data_5NGG
#
_entry.id   5NGG
#
_cell.length_a   42.310
_cell.length_b   44.640
_cell.length_c   75.910
_cell.angle_alpha   78.88
_cell.angle_beta   89.41
_cell.angle_gamma   61.99
#
_symmetry.space_group_name_H-M   'P 1'
#
loop_
_entity.id
_entity.type
_entity.pdbx_description
1 polymer 'Blr6230 protein'
2 non-polymer 'ZINC ION'
3 non-polymer 'ACETATE ION'
4 water water
#
_entity_poly.entity_id   1
_entity_poly.type   'polypeptide(L)'
_entity_poly.pdbx_seq_one_letter_code
;MRRLTAALCALTLLSTGAQAQTIKDFLAVAMKKWTAPFEPFQLIDNIYYVGTDGIAVYVIKTSQGLILMDTAMPQSTGMI
KDNIAKLGFKVADIKLILNTHAHLDHTGGFAEIKKETGAQLVAGERDKPLLEGGYYPGDEKNEDLAFPAVKVDRAVKEGD
RVTLGDTTLTAHATPGHSPGCTSWEMTVKDGKEDREVLFFCSGTVALNRLVGQPTYAGIVDDYRATFAKAKAMKIDVLLG
PHPEVYGMQAKRAEMKDGAPNPFIKPGELVTYATSLSEDFDKQLAKQTAALEKK
;
_entity_poly.pdbx_strand_id   A,B
#
loop_
_chem_comp.id
_chem_comp.type
_chem_comp.name
_chem_comp.formula
ACT non-polymer 'ACETATE ION' 'C2 H3 O2 -1'
ZN non-polymer 'ZINC ION' 'Zn 2'
#
# COMPACT_ATOMS: atom_id res chain seq x y z
N GLN A 21 0.28 -17.36 -19.98
CA GLN A 21 -0.14 -17.43 -18.55
C GLN A 21 0.13 -18.81 -17.93
N THR A 22 0.58 -18.83 -16.67
CA THR A 22 0.66 -20.08 -15.89
C THR A 22 -0.21 -19.95 -14.64
N ILE A 23 -0.75 -21.08 -14.21
CA ILE A 23 -1.55 -21.12 -12.97
C ILE A 23 -0.66 -20.86 -11.76
N LYS A 24 0.58 -21.35 -11.80
CA LYS A 24 1.59 -21.04 -10.79
C LYS A 24 1.76 -19.53 -10.57
N ASP A 25 1.89 -18.79 -11.67
CA ASP A 25 2.04 -17.34 -11.60
C ASP A 25 0.76 -16.65 -11.10
N PHE A 26 -0.40 -17.15 -11.54
CA PHE A 26 -1.68 -16.64 -11.06
C PHE A 26 -1.76 -16.76 -9.53
N LEU A 27 -1.40 -17.92 -9.00
CA LEU A 27 -1.39 -18.15 -7.55
C LEU A 27 -0.36 -17.32 -6.81
N ALA A 28 0.82 -17.16 -7.42
CA ALA A 28 1.89 -16.35 -6.82
C ALA A 28 1.44 -14.91 -6.64
N VAL A 29 0.85 -14.35 -7.69
CA VAL A 29 0.29 -12.99 -7.63
C VAL A 29 -0.90 -12.95 -6.67
N ALA A 30 -1.77 -13.97 -6.75
CA ALA A 30 -2.95 -14.10 -5.87
C ALA A 30 -2.63 -14.15 -4.38
N MET A 31 -1.48 -14.74 -4.03
CA MET A 31 -1.01 -14.81 -2.64
C MET A 31 -0.06 -13.66 -2.22
N LYS A 32 0.02 -12.59 -3.02
CA LYS A 32 0.88 -11.42 -2.71
C LYS A 32 0.10 -10.08 -2.73
N LYS A 33 0.06 -9.39 -3.87
CA LYS A 33 -0.72 -8.16 -4.01
C LYS A 33 -2.21 -8.38 -3.76
N TRP A 34 -2.71 -9.53 -4.20
CA TRP A 34 -4.09 -9.81 -3.97
C TRP A 34 -4.47 -9.93 -2.51
N THR A 35 -3.53 -10.26 -1.64
CA THR A 35 -3.80 -10.38 -0.21
C THR A 35 -3.29 -9.19 0.60
N ALA A 36 -2.66 -8.20 -0.04
CA ALA A 36 -2.04 -7.08 0.69
C ALA A 36 -3.09 -6.03 1.06
N PRO A 37 -2.89 -5.35 2.19
CA PRO A 37 -3.89 -4.38 2.60
C PRO A 37 -4.00 -3.11 1.76
N PHE A 38 -5.21 -2.54 1.72
CA PHE A 38 -5.44 -1.21 1.16
C PHE A 38 -6.41 -0.51 2.09
N GLU A 39 -6.19 0.76 2.38
CA GLU A 39 -7.07 1.50 3.28
CA GLU A 39 -7.08 1.47 3.29
C GLU A 39 -8.46 1.68 2.65
N PRO A 40 -9.53 1.28 3.38
CA PRO A 40 -10.87 1.44 2.82
C PRO A 40 -11.29 2.90 2.76
N PHE A 41 -12.27 3.19 1.90
CA PHE A 41 -12.68 4.59 1.69
C PHE A 41 -14.02 4.67 1.02
N GLN A 42 -14.69 5.79 1.20
CA GLN A 42 -15.91 6.17 0.48
C GLN A 42 -15.51 6.58 -0.94
N LEU A 43 -15.97 5.84 -1.94
CA LEU A 43 -15.57 6.03 -3.31
C LEU A 43 -16.47 7.07 -4.02
N ILE A 44 -17.78 6.84 -4.04
CA ILE A 44 -18.74 7.83 -4.53
C ILE A 44 -20.08 7.54 -3.86
N ASP A 45 -20.69 8.58 -3.30
CA ASP A 45 -22.01 8.50 -2.68
C ASP A 45 -22.03 7.31 -1.71
N ASN A 46 -22.92 6.32 -1.92
CA ASN A 46 -23.08 5.20 -1.00
C ASN A 46 -22.27 3.96 -1.35
N ILE A 47 -21.24 4.11 -2.18
CA ILE A 47 -20.34 3.03 -2.59
C ILE A 47 -19.00 3.22 -1.87
N TYR A 48 -18.59 2.18 -1.15
CA TYR A 48 -17.37 2.20 -0.33
C TYR A 48 -16.45 1.05 -0.77
N TYR A 49 -15.16 1.36 -0.90
CA TYR A 49 -14.15 0.34 -1.25
C TYR A 49 -13.65 -0.31 0.03
N VAL A 50 -13.71 -1.65 0.12
CA VAL A 50 -13.25 -2.42 1.29
C VAL A 50 -12.35 -3.60 0.87
N GLY A 51 -11.81 -3.55 -0.35
CA GLY A 51 -10.99 -4.65 -0.87
C GLY A 51 -9.53 -4.56 -0.45
N THR A 52 -8.71 -5.30 -1.19
CA THR A 52 -7.28 -5.38 -0.95
C THR A 52 -6.58 -4.50 -1.99
N ASP A 53 -5.24 -4.52 -1.97
CA ASP A 53 -4.51 -3.81 -2.99
C ASP A 53 -4.68 -4.37 -4.42
N GLY A 54 -5.13 -5.62 -4.53
CA GLY A 54 -5.25 -6.27 -5.83
C GLY A 54 -6.60 -6.85 -6.16
N ILE A 55 -7.55 -6.87 -5.21
CA ILE A 55 -8.89 -7.41 -5.45
C ILE A 55 -9.88 -6.37 -4.88
N ALA A 56 -10.80 -5.92 -5.71
CA ALA A 56 -11.79 -4.89 -5.32
C ALA A 56 -13.02 -5.54 -4.74
N VAL A 57 -13.45 -5.03 -3.58
CA VAL A 57 -14.66 -5.45 -2.87
C VAL A 57 -15.34 -4.15 -2.47
N TYR A 58 -16.68 -4.14 -2.48
CA TYR A 58 -17.40 -2.91 -2.16
C TYR A 58 -18.55 -3.19 -1.20
N VAL A 59 -18.81 -2.20 -0.36
N VAL A 59 -18.83 -2.25 -0.32
CA VAL A 59 -20.06 -2.09 0.42
CA VAL A 59 -20.12 -2.26 0.37
C VAL A 59 -20.92 -0.99 -0.20
C VAL A 59 -20.91 -1.04 -0.08
N ILE A 60 -22.19 -1.29 -0.38
CA ILE A 60 -23.16 -0.31 -0.84
C ILE A 60 -24.11 -0.08 0.34
N LYS A 61 -24.15 1.14 0.84
CA LYS A 61 -24.98 1.46 2.00
C LYS A 61 -26.38 1.82 1.56
N THR A 62 -27.37 1.09 2.05
CA THR A 62 -28.77 1.37 1.74
C THR A 62 -29.51 1.71 3.03
N SER A 63 -30.73 2.20 2.85
CA SER A 63 -31.61 2.50 3.96
C SER A 63 -32.06 1.25 4.74
N GLN A 64 -31.88 0.04 4.18
CA GLN A 64 -32.32 -1.20 4.85
C GLN A 64 -31.19 -2.18 5.06
N GLY A 65 -29.96 -1.67 5.07
CA GLY A 65 -28.81 -2.51 5.31
C GLY A 65 -27.78 -2.38 4.22
N LEU A 66 -26.81 -3.28 4.24
CA LEU A 66 -25.67 -3.25 3.35
C LEU A 66 -25.80 -4.30 2.26
N ILE A 67 -25.34 -3.91 1.06
CA ILE A 67 -25.10 -4.85 -0.02
C ILE A 67 -23.58 -5.04 -0.11
N LEU A 68 -23.13 -6.29 -0.10
CA LEU A 68 -21.73 -6.61 -0.31
C LEU A 68 -21.53 -7.02 -1.74
N MET A 69 -20.64 -6.33 -2.46
CA MET A 69 -20.29 -6.65 -3.86
C MET A 69 -18.96 -7.41 -3.83
N ASP A 70 -19.05 -8.71 -4.02
CA ASP A 70 -17.94 -9.66 -4.07
C ASP A 70 -17.26 -9.85 -2.70
N THR A 71 -16.33 -10.81 -2.70
CA THR A 71 -15.37 -10.96 -1.60
C THR A 71 -13.96 -11.12 -2.24
N ALA A 72 -13.01 -11.71 -1.54
CA ALA A 72 -11.64 -11.83 -2.05
C ALA A 72 -11.21 -13.29 -1.96
N MET A 73 -9.90 -13.55 -1.89
CA MET A 73 -9.44 -14.93 -1.78
C MET A 73 -9.99 -15.58 -0.52
N PRO A 74 -10.08 -16.91 -0.49
CA PRO A 74 -10.59 -17.58 0.70
C PRO A 74 -9.85 -17.19 2.00
N GLN A 75 -8.54 -16.96 1.90
CA GLN A 75 -7.72 -16.64 3.07
CA GLN A 75 -7.73 -16.63 3.09
C GLN A 75 -7.89 -15.19 3.57
N SER A 76 -8.59 -14.35 2.78
CA SER A 76 -8.66 -12.92 3.05
C SER A 76 -9.97 -12.44 3.68
N THR A 77 -10.85 -13.35 4.03
CA THR A 77 -12.19 -12.95 4.50
C THR A 77 -12.11 -12.11 5.76
N GLY A 78 -11.22 -12.46 6.68
CA GLY A 78 -11.03 -11.67 7.88
C GLY A 78 -10.63 -10.25 7.62
N MET A 79 -9.72 -10.05 6.67
CA MET A 79 -9.30 -8.73 6.23
C MET A 79 -10.48 -7.90 5.70
N ILE A 80 -11.29 -8.50 4.85
CA ILE A 80 -12.45 -7.80 4.31
C ILE A 80 -13.39 -7.40 5.45
N LYS A 81 -13.67 -8.32 6.36
CA LYS A 81 -14.56 -8.03 7.48
C LYS A 81 -13.97 -6.88 8.32
N ASP A 82 -12.66 -6.90 8.50
CA ASP A 82 -11.95 -5.83 9.23
C ASP A 82 -12.11 -4.47 8.52
N ASN A 83 -11.94 -4.44 7.20
CA ASN A 83 -12.11 -3.20 6.44
C ASN A 83 -13.52 -2.61 6.57
N ILE A 84 -14.52 -3.49 6.54
CA ILE A 84 -15.92 -3.09 6.74
C ILE A 84 -16.05 -2.39 8.08
N ALA A 85 -15.50 -2.99 9.13
CA ALA A 85 -15.59 -2.42 10.47
C ALA A 85 -14.82 -1.10 10.58
N LYS A 86 -13.68 -1.00 9.88
CA LYS A 86 -12.89 0.25 9.88
C LYS A 86 -13.70 1.46 9.41
N LEU A 87 -14.63 1.24 8.49
CA LEU A 87 -15.50 2.30 8.03
C LEU A 87 -16.69 2.60 8.96
N GLY A 88 -16.86 1.80 10.02
CA GLY A 88 -18.00 1.97 10.94
C GLY A 88 -19.23 1.15 10.61
N PHE A 89 -19.10 0.26 9.62
CA PHE A 89 -20.17 -0.68 9.30
C PHE A 89 -20.10 -1.91 10.18
N LYS A 90 -21.24 -2.59 10.28
CA LYS A 90 -21.35 -3.90 10.91
C LYS A 90 -21.49 -4.95 9.84
N VAL A 91 -20.63 -5.97 9.90
CA VAL A 91 -20.79 -7.14 9.01
C VAL A 91 -22.21 -7.70 9.12
N ALA A 92 -22.77 -7.71 10.34
CA ALA A 92 -24.11 -8.23 10.54
C ALA A 92 -25.21 -7.50 9.76
N ASP A 93 -24.95 -6.27 9.31
CA ASP A 93 -25.94 -5.53 8.53
C ASP A 93 -25.95 -5.85 7.05
N ILE A 94 -25.08 -6.75 6.60
CA ILE A 94 -25.13 -7.21 5.22
C ILE A 94 -26.37 -8.09 5.02
N LYS A 95 -27.22 -7.68 4.08
CA LYS A 95 -28.48 -8.38 3.73
C LYS A 95 -28.43 -9.12 2.40
N LEU A 96 -27.70 -8.54 1.44
N LEU A 96 -27.49 -8.69 1.56
CA LEU A 96 -27.48 -9.14 0.12
CA LEU A 96 -27.49 -9.05 0.18
C LEU A 96 -26.01 -9.17 -0.19
C LEU A 96 -26.06 -9.10 -0.30
N ILE A 97 -25.64 -10.24 -0.86
CA ILE A 97 -24.29 -10.41 -1.44
C ILE A 97 -24.51 -10.57 -2.94
N LEU A 98 -23.85 -9.73 -3.73
CA LEU A 98 -23.88 -9.83 -5.19
C LEU A 98 -22.51 -10.28 -5.67
N ASN A 99 -22.52 -11.04 -6.75
CA ASN A 99 -21.29 -11.50 -7.39
C ASN A 99 -21.18 -10.94 -8.80
N THR A 100 -19.97 -10.53 -9.17
CA THR A 100 -19.66 -10.23 -10.58
C THR A 100 -19.40 -11.54 -11.33
N HIS A 101 -18.49 -12.37 -10.84
CA HIS A 101 -18.23 -13.66 -11.50
C HIS A 101 -17.61 -14.65 -10.53
N ALA A 102 -17.81 -15.92 -10.84
CA ALA A 102 -17.59 -17.00 -9.88
C ALA A 102 -16.20 -17.63 -9.97
N HIS A 103 -15.16 -16.87 -9.67
CA HIS A 103 -13.80 -17.37 -9.47
C HIS A 103 -13.37 -17.11 -8.04
N LEU A 104 -12.48 -17.96 -7.53
CA LEU A 104 -12.12 -17.96 -6.10
C LEU A 104 -11.60 -16.63 -5.56
N ASP A 105 -10.99 -15.79 -6.42
CA ASP A 105 -10.50 -14.51 -5.97
C ASP A 105 -11.60 -13.49 -5.72
N HIS A 106 -12.84 -13.84 -6.08
CA HIS A 106 -14.01 -12.99 -5.82
C HIS A 106 -15.07 -13.67 -4.95
N THR A 107 -15.00 -14.99 -4.80
CA THR A 107 -16.04 -15.76 -4.09
C THR A 107 -15.56 -16.38 -2.80
N GLY A 108 -14.30 -16.16 -2.45
CA GLY A 108 -13.66 -16.89 -1.37
C GLY A 108 -14.28 -16.71 -0.01
N GLY A 109 -14.99 -15.60 0.19
CA GLY A 109 -15.65 -15.32 1.47
C GLY A 109 -17.15 -15.50 1.48
N PHE A 110 -17.74 -15.93 0.35
CA PHE A 110 -19.20 -15.98 0.30
C PHE A 110 -19.83 -16.95 1.30
N ALA A 111 -19.35 -18.19 1.35
CA ALA A 111 -19.96 -19.16 2.26
C ALA A 111 -19.90 -18.67 3.71
N GLU A 112 -18.74 -18.11 4.08
CA GLU A 112 -18.53 -17.64 5.45
C GLU A 112 -19.44 -16.47 5.78
N ILE A 113 -19.46 -15.47 4.90
CA ILE A 113 -20.26 -14.29 5.20
CA ILE A 113 -20.26 -14.28 5.19
C ILE A 113 -21.76 -14.62 5.15
N LYS A 114 -22.20 -15.45 4.20
CA LYS A 114 -23.59 -15.83 4.13
CA LYS A 114 -23.60 -15.88 4.14
C LYS A 114 -24.04 -16.53 5.42
N LYS A 115 -23.22 -17.45 5.91
CA LYS A 115 -23.56 -18.16 7.15
CA LYS A 115 -23.56 -18.16 7.15
C LYS A 115 -23.61 -17.21 8.36
N GLU A 116 -22.64 -16.31 8.44
CA GLU A 116 -22.52 -15.40 9.59
C GLU A 116 -23.69 -14.43 9.65
N THR A 117 -24.14 -13.98 8.49
CA THR A 117 -25.11 -12.87 8.39
C THR A 117 -26.54 -13.25 8.06
N GLY A 118 -26.73 -14.42 7.45
CA GLY A 118 -28.02 -14.78 6.87
C GLY A 118 -28.38 -14.07 5.59
N ALA A 119 -27.41 -13.43 4.94
CA ALA A 119 -27.67 -12.71 3.70
C ALA A 119 -28.02 -13.65 2.56
N GLN A 120 -28.67 -13.11 1.55
CA GLN A 120 -28.96 -13.84 0.32
CA GLN A 120 -28.98 -13.83 0.30
C GLN A 120 -27.91 -13.53 -0.74
N LEU A 121 -27.51 -14.55 -1.50
CA LEU A 121 -26.53 -14.42 -2.58
C LEU A 121 -27.27 -14.37 -3.92
N VAL A 122 -26.89 -13.35 -4.71
CA VAL A 122 -27.46 -13.11 -6.04
C VAL A 122 -26.33 -13.16 -7.07
N ALA A 123 -26.51 -13.93 -8.15
CA ALA A 123 -25.46 -14.13 -9.13
C ALA A 123 -26.07 -14.51 -10.47
N GLY A 124 -25.28 -14.33 -11.52
CA GLY A 124 -25.69 -14.71 -12.87
C GLY A 124 -26.02 -16.19 -12.95
N GLU A 125 -27.12 -16.50 -13.62
CA GLU A 125 -27.62 -17.88 -13.68
C GLU A 125 -26.58 -18.89 -14.18
N ARG A 126 -25.78 -18.52 -15.18
CA ARG A 126 -24.85 -19.52 -15.74
C ARG A 126 -23.63 -19.74 -14.85
N ASP A 127 -23.41 -18.88 -13.86
CA ASP A 127 -22.39 -19.12 -12.84
C ASP A 127 -22.88 -19.92 -11.64
N LYS A 128 -24.19 -20.16 -11.54
CA LYS A 128 -24.72 -20.90 -10.41
C LYS A 128 -24.03 -22.27 -10.19
N PRO A 129 -23.78 -23.05 -11.26
CA PRO A 129 -23.12 -24.34 -11.00
C PRO A 129 -21.70 -24.21 -10.43
N LEU A 130 -21.01 -23.14 -10.85
CA LEU A 130 -19.64 -22.87 -10.37
CA LEU A 130 -19.65 -22.89 -10.37
C LEU A 130 -19.66 -22.49 -8.89
N LEU A 131 -20.57 -21.59 -8.51
CA LEU A 131 -20.71 -21.18 -7.12
C LEU A 131 -21.10 -22.35 -6.23
N GLU A 132 -22.07 -23.14 -6.70
CA GLU A 132 -22.61 -24.22 -5.90
C GLU A 132 -21.67 -25.41 -5.84
N GLY A 133 -20.73 -25.52 -6.77
CA GLY A 133 -19.74 -26.59 -6.76
C GLY A 133 -18.39 -26.18 -6.18
N GLY A 134 -18.08 -24.89 -6.17
CA GLY A 134 -16.79 -24.41 -5.66
C GLY A 134 -15.59 -24.79 -6.51
N TYR A 135 -15.75 -24.77 -7.84
CA TYR A 135 -14.70 -25.23 -8.76
C TYR A 135 -14.53 -24.26 -9.93
N TYR A 136 -13.40 -24.37 -10.62
CA TYR A 136 -13.07 -23.58 -11.80
C TYR A 136 -13.58 -24.31 -13.05
N PRO A 137 -14.36 -23.63 -13.91
CA PRO A 137 -14.92 -24.30 -15.10
C PRO A 137 -13.84 -24.81 -16.03
N GLY A 138 -14.00 -26.03 -16.53
CA GLY A 138 -13.00 -26.66 -17.40
C GLY A 138 -11.71 -27.08 -16.71
N ASP A 139 -11.62 -26.90 -15.39
CA ASP A 139 -10.45 -27.34 -14.61
C ASP A 139 -10.93 -27.72 -13.22
N GLU A 140 -11.94 -28.58 -13.21
CA GLU A 140 -12.77 -28.80 -12.04
C GLU A 140 -12.09 -29.60 -10.93
N LYS A 141 -10.98 -30.27 -11.26
CA LYS A 141 -10.22 -31.04 -10.27
C LYS A 141 -9.06 -30.26 -9.67
N ASN A 142 -8.87 -29.01 -10.11
CA ASN A 142 -7.77 -28.20 -9.60
C ASN A 142 -8.10 -27.59 -8.24
N GLU A 143 -7.55 -28.18 -7.20
CA GLU A 143 -7.83 -27.74 -5.85
C GLU A 143 -7.31 -26.34 -5.53
N ASP A 144 -6.29 -25.86 -6.21
N ASP A 144 -6.26 -25.90 -6.25
CA ASP A 144 -5.83 -24.52 -5.87
CA ASP A 144 -5.72 -24.53 -6.15
C ASP A 144 -6.72 -23.41 -6.49
C ASP A 144 -6.81 -23.49 -6.37
N LEU A 145 -7.71 -23.80 -7.30
CA LEU A 145 -8.72 -22.85 -7.79
C LEU A 145 -10.11 -23.10 -7.16
N ALA A 146 -10.18 -24.02 -6.22
CA ALA A 146 -11.43 -24.29 -5.52
C ALA A 146 -11.72 -23.24 -4.47
N PHE A 147 -12.98 -23.18 -4.07
CA PHE A 147 -13.42 -22.27 -3.00
C PHE A 147 -14.59 -22.89 -2.26
N PRO A 148 -14.93 -22.36 -1.08
CA PRO A 148 -16.06 -22.98 -0.34
C PRO A 148 -17.39 -22.78 -1.06
N ALA A 149 -18.06 -23.89 -1.35
CA ALA A 149 -19.28 -23.88 -2.15
C ALA A 149 -20.38 -23.11 -1.42
N VAL A 150 -21.19 -22.42 -2.21
CA VAL A 150 -22.23 -21.56 -1.65
C VAL A 150 -23.48 -21.64 -2.51
N LYS A 151 -24.64 -21.66 -1.87
CA LYS A 151 -25.92 -21.70 -2.58
CA LYS A 151 -25.92 -21.70 -2.58
C LYS A 151 -26.33 -20.33 -3.08
N VAL A 152 -26.87 -20.31 -4.29
CA VAL A 152 -27.35 -19.08 -4.91
C VAL A 152 -28.84 -18.96 -4.58
N ASP A 153 -29.22 -17.85 -3.98
CA ASP A 153 -30.63 -17.60 -3.62
C ASP A 153 -31.45 -17.01 -4.77
N ARG A 154 -30.81 -16.23 -5.63
CA ARG A 154 -31.48 -15.67 -6.79
C ARG A 154 -30.49 -15.67 -7.96
N ALA A 155 -30.89 -16.33 -9.06
CA ALA A 155 -30.11 -16.41 -10.27
C ALA A 155 -30.64 -15.35 -11.23
N VAL A 156 -29.79 -14.47 -11.72
CA VAL A 156 -30.22 -13.35 -12.57
C VAL A 156 -29.80 -13.49 -14.02
N LYS A 157 -30.57 -12.84 -14.90
CA LYS A 157 -30.26 -12.69 -16.32
C LYS A 157 -30.33 -11.21 -16.70
N GLU A 158 -29.99 -10.92 -17.95
CA GLU A 158 -29.98 -9.55 -18.48
C GLU A 158 -31.25 -8.79 -18.11
N GLY A 159 -31.06 -7.62 -17.51
CA GLY A 159 -32.14 -6.70 -17.18
C GLY A 159 -32.79 -6.88 -15.83
N ASP A 160 -32.48 -7.96 -15.12
CA ASP A 160 -33.11 -8.20 -13.82
C ASP A 160 -32.71 -7.10 -12.81
N ARG A 161 -33.64 -6.71 -11.95
CA ARG A 161 -33.43 -5.65 -10.96
C ARG A 161 -33.40 -6.23 -9.55
N VAL A 162 -32.43 -5.79 -8.75
CA VAL A 162 -32.25 -6.24 -7.39
C VAL A 162 -32.30 -5.02 -6.48
N THR A 163 -33.19 -5.02 -5.49
CA THR A 163 -33.44 -3.87 -4.62
C THR A 163 -33.22 -4.23 -3.15
N LEU A 164 -32.48 -3.36 -2.43
CA LEU A 164 -32.49 -3.37 -0.95
C LEU A 164 -32.78 -1.95 -0.49
N GLY A 165 -33.91 -1.79 0.20
CA GLY A 165 -34.29 -0.47 0.65
C GLY A 165 -34.42 0.52 -0.48
N ASP A 166 -33.66 1.60 -0.37
CA ASP A 166 -33.64 2.70 -1.33
C ASP A 166 -32.73 2.53 -2.56
N THR A 167 -32.12 1.36 -2.71
CA THR A 167 -31.07 1.15 -3.70
C THR A 167 -31.39 -0.02 -4.62
N THR A 168 -31.33 0.22 -5.92
CA THR A 168 -31.58 -0.80 -6.94
C THR A 168 -30.39 -0.94 -7.89
N LEU A 169 -30.02 -2.18 -8.17
CA LEU A 169 -29.01 -2.49 -9.18
C LEU A 169 -29.66 -3.29 -10.30
N THR A 170 -29.16 -3.09 -11.52
CA THR A 170 -29.64 -3.81 -12.70
C THR A 170 -28.52 -4.74 -13.19
N ALA A 171 -28.85 -6.01 -13.40
CA ALA A 171 -27.92 -7.00 -13.94
C ALA A 171 -27.77 -6.85 -15.43
N HIS A 172 -26.53 -6.92 -15.90
CA HIS A 172 -26.24 -7.05 -17.32
C HIS A 172 -25.43 -8.30 -17.57
N ALA A 173 -25.85 -9.13 -18.53
CA ALA A 173 -25.12 -10.34 -18.86
C ALA A 173 -23.94 -9.98 -19.74
N THR A 174 -22.73 -10.17 -19.19
CA THR A 174 -21.50 -9.84 -19.87
C THR A 174 -20.55 -11.05 -19.78
N PRO A 175 -20.97 -12.19 -20.37
CA PRO A 175 -20.19 -13.42 -20.28
C PRO A 175 -18.87 -13.37 -21.05
N GLY A 176 -18.02 -14.35 -20.76
CA GLY A 176 -16.73 -14.53 -21.43
C GLY A 176 -15.72 -14.93 -20.39
N HIS A 177 -15.39 -14.00 -19.49
CA HIS A 177 -14.43 -14.31 -18.45
C HIS A 177 -14.96 -15.47 -17.56
N SER A 178 -16.28 -15.50 -17.35
N SER A 178 -16.29 -15.52 -17.41
CA SER A 178 -16.97 -16.69 -16.83
CA SER A 178 -16.98 -16.63 -16.77
C SER A 178 -18.30 -16.78 -17.58
C SER A 178 -18.30 -16.76 -17.55
N PRO A 179 -18.94 -17.95 -17.55
CA PRO A 179 -20.19 -18.06 -18.31
C PRO A 179 -21.34 -17.19 -17.79
N GLY A 180 -21.35 -16.95 -16.50
CA GLY A 180 -22.39 -16.16 -15.85
C GLY A 180 -21.94 -14.78 -15.37
N CYS A 181 -20.84 -14.29 -15.92
CA CYS A 181 -20.26 -12.98 -15.56
C CYS A 181 -21.34 -11.89 -15.70
N THR A 182 -21.60 -11.17 -14.61
CA THR A 182 -22.68 -10.20 -14.53
C THR A 182 -22.09 -8.86 -14.12
N SER A 183 -22.33 -7.85 -14.94
CA SER A 183 -21.98 -6.47 -14.64
C SER A 183 -23.20 -5.76 -14.06
N TRP A 184 -23.00 -5.04 -12.96
CA TRP A 184 -24.12 -4.48 -12.21
C TRP A 184 -24.16 -2.96 -12.34
N GLU A 185 -25.31 -2.42 -12.76
CA GLU A 185 -25.47 -0.99 -12.95
C GLU A 185 -26.29 -0.38 -11.82
N MET A 186 -25.87 0.79 -11.36
CA MET A 186 -26.57 1.52 -10.28
CA MET A 186 -26.68 1.55 -10.37
C MET A 186 -26.42 3.02 -10.49
N THR A 187 -27.39 3.79 -10.03
CA THR A 187 -27.30 5.24 -10.05
C THR A 187 -26.83 5.75 -8.68
N VAL A 188 -25.95 6.74 -8.73
CA VAL A 188 -25.50 7.48 -7.54
C VAL A 188 -25.70 8.96 -7.79
N LYS A 189 -25.55 9.75 -6.73
CA LYS A 189 -25.54 11.20 -6.83
C LYS A 189 -24.11 11.71 -6.79
N ASP A 190 -23.87 12.72 -7.61
CA ASP A 190 -22.71 13.56 -7.52
C ASP A 190 -23.26 14.98 -7.42
N GLY A 191 -23.23 15.55 -6.23
CA GLY A 191 -23.99 16.76 -5.94
C GLY A 191 -25.47 16.51 -6.22
N LYS A 192 -26.07 17.34 -7.07
CA LYS A 192 -27.49 17.22 -7.43
C LYS A 192 -27.75 16.23 -8.56
N GLU A 193 -26.70 15.76 -9.23
CA GLU A 193 -26.85 15.06 -10.50
C GLU A 193 -26.69 13.57 -10.37
N ASP A 194 -27.45 12.86 -11.20
CA ASP A 194 -27.29 11.43 -11.30
C ASP A 194 -26.01 11.07 -12.06
N ARG A 195 -25.35 10.02 -11.62
CA ARG A 195 -24.27 9.39 -12.38
C ARG A 195 -24.47 7.88 -12.36
N GLU A 196 -24.25 7.25 -13.51
CA GLU A 196 -24.46 5.80 -13.67
C GLU A 196 -23.14 5.07 -13.44
N VAL A 197 -23.18 4.09 -12.54
CA VAL A 197 -22.02 3.28 -12.16
C VAL A 197 -22.18 1.88 -12.76
N LEU A 198 -21.09 1.33 -13.29
CA LEU A 198 -21.06 -0.09 -13.66
C LEU A 198 -20.00 -0.78 -12.87
N PHE A 199 -20.40 -1.81 -12.09
CA PHE A 199 -19.46 -2.79 -11.56
C PHE A 199 -19.25 -3.80 -12.69
N PHE A 200 -18.26 -3.54 -13.55
CA PHE A 200 -17.97 -4.39 -14.69
C PHE A 200 -17.42 -5.72 -14.15
N CYS A 201 -17.80 -6.83 -14.78
CA CYS A 201 -17.50 -8.12 -14.19
C CYS A 201 -16.13 -8.67 -14.42
N SER A 202 -15.41 -8.15 -15.40
CA SER A 202 -14.10 -8.63 -15.94
C SER A 202 -14.26 -9.09 -17.37
N GLY A 203 -13.31 -8.70 -18.21
CA GLY A 203 -13.21 -9.21 -19.58
C GLY A 203 -11.83 -9.70 -19.98
N THR A 204 -11.01 -10.08 -19.00
CA THR A 204 -9.67 -10.57 -19.27
C THR A 204 -9.72 -12.04 -19.71
N VAL A 205 -8.74 -12.49 -20.48
CA VAL A 205 -8.59 -13.89 -20.82
C VAL A 205 -8.11 -14.71 -19.61
N ALA A 206 -7.08 -14.20 -18.93
CA ALA A 206 -6.57 -14.77 -17.69
C ALA A 206 -6.30 -16.27 -17.89
N LEU A 207 -6.86 -17.17 -17.08
CA LEU A 207 -6.58 -18.60 -17.15
C LEU A 207 -7.46 -19.34 -18.15
N ASN A 208 -8.40 -18.66 -18.82
CA ASN A 208 -9.32 -19.38 -19.69
C ASN A 208 -8.69 -19.91 -20.98
N ARG A 209 -9.17 -21.07 -21.39
CA ARG A 209 -8.80 -21.66 -22.67
C ARG A 209 -9.89 -21.27 -23.68
N LEU A 210 -9.46 -20.69 -24.79
CA LEU A 210 -10.34 -20.18 -25.84
C LEU A 210 -10.59 -21.15 -26.98
N VAL A 211 -9.63 -22.03 -27.22
CA VAL A 211 -9.63 -22.96 -28.34
C VAL A 211 -9.07 -24.29 -27.85
N GLY A 212 -9.26 -25.34 -28.65
CA GLY A 212 -8.80 -26.68 -28.31
C GLY A 212 -9.88 -27.38 -27.51
N GLN A 213 -9.78 -27.28 -26.18
CA GLN A 213 -10.82 -27.70 -25.26
CA GLN A 213 -10.83 -27.69 -25.27
C GLN A 213 -11.24 -26.43 -24.53
N PRO A 214 -12.13 -25.63 -25.13
CA PRO A 214 -12.44 -24.35 -24.50
C PRO A 214 -13.00 -24.52 -23.09
N THR A 215 -12.73 -23.54 -22.24
CA THR A 215 -13.15 -23.55 -20.85
C THR A 215 -14.64 -23.79 -20.69
N TYR A 216 -15.44 -23.21 -21.59
CA TYR A 216 -16.84 -23.59 -21.72
C TYR A 216 -17.27 -23.31 -23.16
N ALA A 217 -18.36 -23.95 -23.57
CA ALA A 217 -18.84 -23.84 -24.95
C ALA A 217 -19.37 -22.45 -25.24
N GLY A 218 -18.87 -21.86 -26.33
CA GLY A 218 -19.30 -20.53 -26.77
C GLY A 218 -18.52 -19.37 -26.16
N ILE A 219 -17.41 -19.69 -25.47
CA ILE A 219 -16.65 -18.66 -24.77
C ILE A 219 -16.15 -17.54 -25.68
N VAL A 220 -15.64 -17.86 -26.87
CA VAL A 220 -15.13 -16.82 -27.75
C VAL A 220 -16.25 -15.81 -28.12
N ASP A 221 -17.39 -16.35 -28.57
CA ASP A 221 -18.54 -15.52 -28.92
C ASP A 221 -18.98 -14.64 -27.76
N ASP A 222 -18.99 -15.20 -26.55
CA ASP A 222 -19.36 -14.43 -25.36
C ASP A 222 -18.43 -13.21 -25.17
N TYR A 223 -17.12 -13.42 -25.21
CA TYR A 223 -16.17 -12.31 -25.04
C TYR A 223 -16.41 -11.19 -26.03
N ARG A 224 -16.55 -11.54 -27.29
N ARG A 224 -16.59 -11.62 -27.28
CA ARG A 224 -16.71 -10.49 -28.34
CA ARG A 224 -16.81 -10.73 -28.44
C ARG A 224 -18.08 -9.79 -28.24
C ARG A 224 -18.04 -9.86 -28.23
N ALA A 225 -19.12 -10.50 -27.82
CA ALA A 225 -20.41 -9.84 -27.53
C ALA A 225 -20.24 -8.85 -26.36
N THR A 226 -19.48 -9.26 -25.34
CA THR A 226 -19.25 -8.41 -24.17
C THR A 226 -18.43 -7.15 -24.47
N PHE A 227 -17.37 -7.28 -25.27
CA PHE A 227 -16.59 -6.07 -25.59
C PHE A 227 -17.46 -5.03 -26.31
N ALA A 228 -18.24 -5.49 -27.28
CA ALA A 228 -19.14 -4.59 -28.03
C ALA A 228 -20.21 -3.98 -27.12
N LYS A 229 -20.82 -4.80 -26.29
CA LYS A 229 -21.84 -4.34 -25.34
C LYS A 229 -21.26 -3.26 -24.43
N ALA A 230 -20.07 -3.49 -23.90
CA ALA A 230 -19.44 -2.53 -23.02
C ALA A 230 -19.20 -1.19 -23.69
N LYS A 231 -18.76 -1.22 -24.93
CA LYS A 231 -18.49 0.03 -25.64
C LYS A 231 -19.77 0.84 -25.90
N ALA A 232 -20.91 0.18 -25.94
CA ALA A 232 -22.19 0.84 -26.22
C ALA A 232 -22.95 1.33 -24.98
N MET A 233 -22.49 0.98 -23.78
CA MET A 233 -23.20 1.34 -22.56
C MET A 233 -22.88 2.74 -22.11
N LYS A 234 -23.90 3.46 -21.65
CA LYS A 234 -23.76 4.83 -21.14
C LYS A 234 -23.46 4.77 -19.63
N ILE A 235 -22.18 4.87 -19.31
CA ILE A 235 -21.69 4.68 -17.92
C ILE A 235 -20.74 5.79 -17.56
N ASP A 236 -21.01 6.44 -16.43
CA ASP A 236 -20.20 7.55 -15.92
C ASP A 236 -18.99 7.08 -15.10
N VAL A 237 -19.18 6.01 -14.31
CA VAL A 237 -18.20 5.54 -13.33
C VAL A 237 -17.96 4.06 -13.59
N LEU A 238 -16.76 3.74 -14.07
CA LEU A 238 -16.35 2.35 -14.27
C LEU A 238 -15.72 1.83 -12.98
N LEU A 239 -16.25 0.72 -12.48
CA LEU A 239 -15.66 -0.05 -11.38
C LEU A 239 -15.47 -1.47 -11.89
N GLY A 240 -14.81 -2.30 -11.10
CA GLY A 240 -14.55 -3.66 -11.49
C GLY A 240 -13.99 -4.47 -10.34
N PRO A 241 -13.76 -5.78 -10.57
CA PRO A 241 -13.41 -6.66 -9.46
C PRO A 241 -11.92 -6.70 -9.12
N HIS A 242 -11.09 -5.98 -9.90
CA HIS A 242 -9.70 -5.73 -9.59
C HIS A 242 -9.49 -4.24 -9.79
N PRO A 243 -8.69 -3.59 -8.91
CA PRO A 243 -8.54 -2.14 -9.03
C PRO A 243 -7.89 -1.67 -10.33
N GLU A 244 -7.10 -2.55 -10.93
N GLU A 244 -7.09 -2.52 -10.98
CA GLU A 244 -6.46 -2.32 -12.22
CA GLU A 244 -6.45 -2.16 -12.26
C GLU A 244 -7.44 -2.03 -13.36
C GLU A 244 -7.43 -2.15 -13.46
N VAL A 245 -8.67 -2.53 -13.24
CA VAL A 245 -9.72 -2.31 -14.25
C VAL A 245 -9.95 -0.80 -14.47
N TYR A 246 -9.82 0.00 -13.42
CA TYR A 246 -10.20 1.40 -13.45
C TYR A 246 -9.17 2.31 -12.81
N GLY A 247 -7.94 1.85 -12.63
CA GLY A 247 -6.90 2.70 -12.09
C GLY A 247 -7.28 3.29 -10.74
N MET A 248 -7.73 2.41 -9.84
CA MET A 248 -8.28 2.85 -8.56
C MET A 248 -7.32 3.70 -7.72
N GLN A 249 -6.07 3.25 -7.59
CA GLN A 249 -5.16 3.87 -6.65
C GLN A 249 -4.85 5.30 -7.09
N ALA A 250 -4.64 5.48 -8.38
CA ALA A 250 -4.36 6.81 -8.92
C ALA A 250 -5.51 7.77 -8.72
N LYS A 251 -6.74 7.28 -8.87
CA LYS A 251 -7.93 8.09 -8.62
C LYS A 251 -8.10 8.44 -7.14
N ARG A 252 -7.87 7.46 -6.26
CA ARG A 252 -7.99 7.72 -4.82
C ARG A 252 -7.06 8.86 -4.40
N ALA A 253 -5.85 8.87 -4.95
CA ALA A 253 -4.87 9.92 -4.70
C ALA A 253 -5.33 11.32 -5.09
N GLU A 254 -6.13 11.39 -6.14
CA GLU A 254 -6.64 12.68 -6.59
C GLU A 254 -7.91 13.15 -5.86
N MET A 255 -8.47 12.36 -4.93
CA MET A 255 -9.66 12.80 -4.17
C MET A 255 -9.31 13.93 -3.21
N LYS A 256 -10.12 14.98 -3.24
CA LYS A 256 -9.90 16.14 -2.38
C LYS A 256 -11.25 16.78 -2.13
N ASP A 257 -11.46 17.23 -0.89
CA ASP A 257 -12.69 17.92 -0.52
C ASP A 257 -12.89 19.11 -1.43
N GLY A 258 -14.04 19.15 -2.10
CA GLY A 258 -14.39 20.25 -2.99
C GLY A 258 -13.94 20.12 -4.43
N ALA A 259 -13.13 19.09 -4.75
CA ALA A 259 -12.68 18.87 -6.12
C ALA A 259 -13.56 17.81 -6.78
N PRO A 260 -13.53 17.72 -8.12
CA PRO A 260 -14.42 16.74 -8.76
C PRO A 260 -14.06 15.30 -8.37
N ASN A 261 -15.05 14.44 -8.31
CA ASN A 261 -14.79 13.05 -7.94
C ASN A 261 -14.04 12.39 -9.11
N PRO A 262 -12.81 11.92 -8.87
CA PRO A 262 -11.98 11.40 -9.99
C PRO A 262 -12.45 10.06 -10.56
N PHE A 263 -13.40 9.41 -9.87
CA PHE A 263 -13.97 8.16 -10.39
C PHE A 263 -14.99 8.37 -11.50
N ILE A 264 -15.41 9.63 -11.71
CA ILE A 264 -16.28 9.96 -12.83
C ILE A 264 -15.43 10.19 -14.08
N LYS A 265 -15.50 9.25 -15.03
CA LYS A 265 -14.74 9.27 -16.28
C LYS A 265 -15.60 8.54 -17.31
N PRO A 266 -16.56 9.25 -17.95
CA PRO A 266 -17.58 8.56 -18.77
C PRO A 266 -17.11 7.86 -20.04
N GLY A 267 -15.92 8.18 -20.53
CA GLY A 267 -15.36 7.49 -21.71
C GLY A 267 -14.49 6.28 -21.37
N GLU A 268 -14.34 5.98 -20.09
CA GLU A 268 -13.35 4.99 -19.69
C GLU A 268 -13.69 3.57 -20.07
N LEU A 269 -14.97 3.21 -20.02
CA LEU A 269 -15.34 1.85 -20.37
C LEU A 269 -15.07 1.59 -21.86
N VAL A 270 -15.31 2.57 -22.74
CA VAL A 270 -14.93 2.41 -24.15
C VAL A 270 -13.42 2.17 -24.29
N THR A 271 -12.60 2.98 -23.64
CA THR A 271 -11.15 2.82 -23.72
C THR A 271 -10.70 1.45 -23.17
N TYR A 272 -11.26 1.10 -22.03
CA TYR A 272 -10.85 -0.15 -21.37
C TYR A 272 -11.28 -1.38 -22.19
N ALA A 273 -12.52 -1.37 -22.70
CA ALA A 273 -13.01 -2.48 -23.52
C ALA A 273 -12.20 -2.61 -24.81
N THR A 274 -11.75 -1.48 -25.37
CA THR A 274 -10.87 -1.53 -26.54
C THR A 274 -9.55 -2.21 -26.17
N SER A 275 -8.96 -1.85 -25.05
CA SER A 275 -7.72 -2.51 -24.61
C SER A 275 -7.94 -4.01 -24.39
N LEU A 276 -9.08 -4.38 -23.79
CA LEU A 276 -9.41 -5.79 -23.62
C LEU A 276 -9.58 -6.56 -24.92
N SER A 277 -10.23 -5.94 -25.90
CA SER A 277 -10.46 -6.58 -27.19
CA SER A 277 -10.47 -6.60 -27.18
C SER A 277 -9.13 -6.82 -27.92
N GLU A 278 -8.23 -5.85 -27.81
CA GLU A 278 -6.93 -5.98 -28.45
C GLU A 278 -6.11 -7.10 -27.78
N ASP A 279 -6.16 -7.18 -26.46
CA ASP A 279 -5.47 -8.27 -25.79
C ASP A 279 -6.13 -9.61 -26.10
N PHE A 280 -7.46 -9.63 -26.21
CA PHE A 280 -8.17 -10.86 -26.56
C PHE A 280 -7.67 -11.41 -27.90
N ASP A 281 -7.57 -10.56 -28.91
CA ASP A 281 -7.07 -10.98 -30.20
C ASP A 281 -5.65 -11.58 -30.09
N LYS A 282 -4.79 -10.94 -29.29
CA LYS A 282 -3.42 -11.46 -29.06
C LYS A 282 -3.45 -12.85 -28.43
N GLN A 283 -4.25 -13.00 -27.37
CA GLN A 283 -4.35 -14.29 -26.68
C GLN A 283 -4.96 -15.37 -27.55
N LEU A 284 -6.00 -15.04 -28.32
CA LEU A 284 -6.59 -16.02 -29.23
C LEU A 284 -5.58 -16.53 -30.25
N ALA A 285 -4.80 -15.62 -30.80
CA ALA A 285 -3.75 -15.99 -31.75
C ALA A 285 -2.69 -16.87 -31.09
N LYS A 286 -2.31 -16.51 -29.88
CA LYS A 286 -1.30 -17.28 -29.15
C LYS A 286 -1.77 -18.70 -28.87
N GLN A 287 -2.98 -18.82 -28.35
CA GLN A 287 -3.52 -20.15 -28.04
C GLN A 287 -3.76 -20.98 -29.30
N THR A 288 -4.18 -20.33 -30.38
CA THR A 288 -4.36 -21.03 -31.64
C THR A 288 -3.02 -21.57 -32.13
N ALA A 289 -1.99 -20.74 -32.10
CA ALA A 289 -0.65 -21.22 -32.50
C ALA A 289 -0.16 -22.37 -31.63
N ALA A 290 -0.45 -22.30 -30.33
CA ALA A 290 -0.02 -23.34 -29.39
C ALA A 290 -0.70 -24.68 -29.60
N LEU A 291 -1.87 -24.71 -30.24
CA LEU A 291 -2.57 -25.95 -30.54
C LEU A 291 -1.91 -26.75 -31.65
N GLU A 292 -1.12 -26.08 -32.48
CA GLU A 292 -0.50 -26.71 -33.63
C GLU A 292 0.47 -27.79 -33.10
N LYS A 293 0.44 -28.93 -33.75
CA LYS A 293 1.20 -30.10 -33.29
C LYS A 293 2.69 -29.89 -33.57
N LYS A 294 3.49 -30.04 -32.53
CA LYS A 294 4.95 -29.87 -32.59
C LYS A 294 5.64 -30.95 -31.81
N GLN B 21 35.91 8.64 2.18
CA GLN B 21 34.69 8.92 1.36
C GLN B 21 34.84 10.19 0.53
N THR B 22 34.14 10.26 -0.60
CA THR B 22 34.06 11.49 -1.38
C THR B 22 32.62 11.96 -1.49
N ILE B 23 32.44 13.27 -1.57
CA ILE B 23 31.11 13.85 -1.78
C ILE B 23 30.58 13.47 -3.16
N LYS B 24 31.46 13.42 -4.16
CA LYS B 24 31.06 12.94 -5.49
C LYS B 24 30.42 11.56 -5.42
N ASP B 25 31.05 10.65 -4.69
CA ASP B 25 30.51 9.30 -4.56
C ASP B 25 29.18 9.27 -3.82
N PHE B 26 29.07 10.07 -2.76
CA PHE B 26 27.80 10.20 -2.04
C PHE B 26 26.69 10.62 -3.02
N LEU B 27 26.97 11.65 -3.83
CA LEU B 27 25.98 12.14 -4.81
C LEU B 27 25.64 11.12 -5.91
N ALA B 28 26.64 10.37 -6.35
CA ALA B 28 26.45 9.36 -7.39
C ALA B 28 25.50 8.27 -6.90
N VAL B 29 25.77 7.76 -5.71
CA VAL B 29 24.91 6.75 -5.10
C VAL B 29 23.52 7.30 -4.83
N ALA B 30 23.43 8.54 -4.34
CA ALA B 30 22.13 9.15 -4.05
C ALA B 30 21.25 9.26 -5.32
N MET B 31 21.88 9.42 -6.50
CA MET B 31 21.17 9.54 -7.81
C MET B 31 20.74 8.25 -8.52
N LYS B 32 21.28 7.10 -8.12
CA LYS B 32 20.89 5.81 -8.68
C LYS B 32 20.13 4.99 -7.64
N LYS B 33 20.86 4.39 -6.70
CA LYS B 33 20.25 3.46 -5.74
C LYS B 33 19.14 4.16 -4.95
N TRP B 34 19.41 5.39 -4.50
CA TRP B 34 18.52 6.06 -3.59
C TRP B 34 17.25 6.66 -4.21
N THR B 35 17.23 6.82 -5.52
CA THR B 35 16.05 7.25 -6.23
C THR B 35 15.23 6.10 -6.84
N ALA B 36 15.76 4.87 -6.76
N ALA B 36 15.72 4.86 -6.76
CA ALA B 36 15.13 3.69 -7.38
CA ALA B 36 15.04 3.72 -7.39
C ALA B 36 13.83 3.33 -6.65
C ALA B 36 13.82 3.28 -6.59
N PRO B 37 12.93 2.59 -7.31
N PRO B 37 12.64 3.24 -7.23
CA PRO B 37 11.62 2.33 -6.71
CA PRO B 37 11.44 2.83 -6.49
C PRO B 37 11.64 1.22 -5.70
C PRO B 37 11.55 1.46 -5.77
N PHE B 38 10.71 1.30 -4.74
CA PHE B 38 10.44 0.09 -3.95
C PHE B 38 8.94 0.10 -3.66
N GLU B 39 8.30 -1.06 -3.78
CA GLU B 39 6.87 -1.13 -3.53
C GLU B 39 6.55 -0.97 -2.05
N PRO B 40 5.62 -0.07 -1.70
CA PRO B 40 5.35 0.12 -0.28
C PRO B 40 4.63 -1.05 0.36
N PHE B 41 4.69 -1.12 1.68
CA PHE B 41 4.10 -2.27 2.39
C PHE B 41 3.85 -1.98 3.84
N GLN B 42 2.93 -2.72 4.42
CA GLN B 42 2.73 -2.72 5.85
C GLN B 42 3.85 -3.51 6.52
N LEU B 43 4.64 -2.85 7.35
CA LEU B 43 5.84 -3.44 7.93
C LEU B 43 5.50 -4.14 9.25
N ILE B 44 4.89 -3.40 10.20
CA ILE B 44 4.34 -4.01 11.42
C ILE B 44 3.24 -3.11 11.95
N ASP B 45 2.06 -3.70 12.19
CA ASP B 45 0.96 -3.00 12.81
C ASP B 45 0.66 -1.71 12.04
N ASN B 46 0.77 -0.54 12.67
CA ASN B 46 0.43 0.73 12.04
C ASN B 46 1.63 1.45 11.40
N ILE B 47 2.74 0.74 11.18
CA ILE B 47 3.95 1.28 10.52
C ILE B 47 4.03 0.69 9.11
N TYR B 48 4.15 1.60 8.14
CA TYR B 48 4.17 1.27 6.73
C TYR B 48 5.43 1.86 6.10
N TYR B 49 6.09 1.08 5.25
CA TYR B 49 7.26 1.52 4.49
C TYR B 49 6.79 2.16 3.19
N VAL B 50 7.23 3.41 2.94
CA VAL B 50 6.87 4.15 1.71
C VAL B 50 8.10 4.78 1.06
N GLY B 51 9.29 4.28 1.42
CA GLY B 51 10.55 4.81 0.90
C GLY B 51 10.94 4.28 -0.47
N THR B 52 12.19 4.50 -0.80
CA THR B 52 12.79 4.04 -2.06
C THR B 52 13.60 2.77 -1.80
N ASP B 53 14.29 2.28 -2.82
CA ASP B 53 15.15 1.13 -2.62
C ASP B 53 16.36 1.44 -1.74
N GLY B 54 16.68 2.73 -1.57
CA GLY B 54 17.86 3.15 -0.81
C GLY B 54 17.68 4.13 0.33
N ILE B 55 16.49 4.73 0.48
CA ILE B 55 16.16 5.65 1.56
C ILE B 55 14.83 5.21 2.15
N ALA B 56 14.80 5.01 3.46
CA ALA B 56 13.60 4.54 4.16
C ALA B 56 12.76 5.72 4.63
N VAL B 57 11.47 5.64 4.33
CA VAL B 57 10.47 6.62 4.75
C VAL B 57 9.31 5.81 5.28
N TYR B 58 8.60 6.31 6.28
CA TYR B 58 7.51 5.55 6.87
C TYR B 58 6.28 6.41 7.07
N VAL B 59 5.12 5.76 6.97
N VAL B 59 5.10 5.82 6.96
CA VAL B 59 3.83 6.30 7.42
CA VAL B 59 3.91 6.49 7.51
C VAL B 59 3.44 5.56 8.71
C VAL B 59 3.34 5.65 8.63
N ILE B 60 3.04 6.33 9.73
CA ILE B 60 2.46 5.77 10.95
C ILE B 60 1.00 6.19 10.98
N LYS B 61 0.10 5.20 10.94
CA LYS B 61 -1.33 5.48 10.91
C LYS B 61 -1.85 5.64 12.33
N THR B 62 -2.49 6.76 12.60
CA THR B 62 -3.13 7.03 13.88
C THR B 62 -4.61 7.24 13.67
N SER B 63 -5.32 7.25 14.79
CA SER B 63 -6.75 7.52 14.79
C SER B 63 -7.11 8.98 14.43
N GLN B 64 -6.14 9.90 14.40
CA GLN B 64 -6.41 11.30 14.09
C GLN B 64 -5.57 11.78 12.92
N GLY B 65 -5.15 10.87 12.06
CA GLY B 65 -4.37 11.20 10.87
C GLY B 65 -3.03 10.48 10.84
N LEU B 66 -2.18 10.92 9.92
CA LEU B 66 -0.91 10.24 9.68
C LEU B 66 0.26 11.01 10.25
N ILE B 67 1.26 10.26 10.70
CA ILE B 67 2.59 10.75 10.98
C ILE B 67 3.49 10.30 9.84
N LEU B 68 4.20 11.24 9.23
CA LEU B 68 5.25 10.94 8.25
C LEU B 68 6.61 10.96 8.89
N MET B 69 7.33 9.84 8.83
N MET B 69 7.33 9.85 8.78
CA MET B 69 8.69 9.74 9.35
CA MET B 69 8.69 9.72 9.34
C MET B 69 9.66 9.90 8.18
C MET B 69 9.70 9.90 8.22
N ASP B 70 10.28 11.10 8.15
CA ASP B 70 11.27 11.48 7.13
C ASP B 70 10.66 11.61 5.71
N THR B 71 11.51 12.08 4.80
CA THR B 71 11.26 12.09 3.35
C THR B 71 12.53 11.56 2.66
N ALA B 72 12.71 11.84 1.37
CA ALA B 72 13.87 11.33 0.65
C ALA B 72 14.57 12.50 -0.04
N MET B 73 15.33 12.23 -1.11
CA MET B 73 16.05 13.29 -1.77
C MET B 73 15.07 14.35 -2.27
N PRO B 74 15.53 15.59 -2.44
CA PRO B 74 14.64 16.63 -2.94
C PRO B 74 13.91 16.26 -4.26
N GLN B 75 14.60 15.56 -5.16
CA GLN B 75 14.01 15.16 -6.44
CA GLN B 75 14.01 15.15 -6.45
C GLN B 75 13.00 14.00 -6.37
N SER B 76 12.89 13.34 -5.22
CA SER B 76 12.03 12.16 -5.08
C SER B 76 10.70 12.36 -4.35
N THR B 77 10.33 13.60 -4.06
CA THR B 77 9.13 13.86 -3.24
C THR B 77 7.86 13.33 -3.90
N GLY B 78 7.76 13.49 -5.21
CA GLY B 78 6.60 12.96 -5.94
C GLY B 78 6.43 11.45 -5.79
N MET B 79 7.54 10.71 -5.86
CA MET B 79 7.51 9.27 -5.70
CA MET B 79 7.54 9.25 -5.70
C MET B 79 7.11 8.84 -4.29
N ILE B 80 7.61 9.56 -3.28
CA ILE B 80 7.17 9.30 -1.91
C ILE B 80 5.65 9.50 -1.80
N LYS B 81 5.15 10.60 -2.33
CA LYS B 81 3.70 10.88 -2.28
C LYS B 81 2.93 9.77 -3.01
N ASP B 82 3.47 9.28 -4.12
CA ASP B 82 2.88 8.15 -4.86
C ASP B 82 2.87 6.86 -4.06
N ASN B 83 3.97 6.59 -3.36
CA ASN B 83 4.03 5.39 -2.51
C ASN B 83 2.96 5.41 -1.41
N ILE B 84 2.79 6.57 -0.79
CA ILE B 84 1.76 6.74 0.24
C ILE B 84 0.38 6.38 -0.35
N ALA B 85 0.13 6.85 -1.57
CA ALA B 85 -1.12 6.59 -2.28
C ALA B 85 -1.31 5.12 -2.63
N LYS B 86 -0.24 4.40 -2.96
CA LYS B 86 -0.36 2.99 -3.29
C LYS B 86 -0.89 2.17 -2.11
N LEU B 87 -0.77 2.68 -0.87
CA LEU B 87 -1.33 2.01 0.30
C LEU B 87 -2.77 2.43 0.60
N GLY B 88 -3.24 3.47 -0.06
CA GLY B 88 -4.57 3.99 0.18
C GLY B 88 -4.59 5.12 1.19
N PHE B 89 -3.40 5.55 1.62
CA PHE B 89 -3.30 6.69 2.53
C PHE B 89 -3.33 7.97 1.70
N LYS B 90 -3.87 9.02 2.32
CA LYS B 90 -3.94 10.34 1.71
C LYS B 90 -2.89 11.26 2.26
N VAL B 91 -2.12 11.87 1.36
CA VAL B 91 -1.12 12.84 1.76
C VAL B 91 -1.77 13.98 2.59
N ALA B 92 -3.00 14.38 2.24
CA ALA B 92 -3.68 15.45 2.98
C ALA B 92 -3.93 15.12 4.45
N ASP B 93 -3.89 13.83 4.82
CA ASP B 93 -4.13 13.43 6.18
C ASP B 93 -2.88 13.43 7.05
N ILE B 94 -1.74 13.81 6.49
CA ILE B 94 -0.51 13.95 7.28
C ILE B 94 -0.63 15.17 8.19
N LYS B 95 -0.55 14.93 9.49
CA LYS B 95 -0.66 15.98 10.53
C LYS B 95 0.68 16.36 11.14
N LEU B 96 1.60 15.40 11.20
CA LEU B 96 2.92 15.59 11.79
C LEU B 96 3.94 14.98 10.90
N ILE B 97 5.08 15.66 10.78
CA ILE B 97 6.26 15.13 10.10
C ILE B 97 7.35 15.09 11.16
N LEU B 98 7.92 13.90 11.36
CA LEU B 98 9.03 13.74 12.28
C LEU B 98 10.31 13.50 11.48
N ASN B 99 11.42 13.99 12.01
CA ASN B 99 12.73 13.79 11.38
C ASN B 99 13.64 12.98 12.28
N THR B 100 14.39 12.06 11.69
CA THR B 100 15.50 11.39 12.37
C THR B 100 16.72 12.33 12.40
N HIS B 101 17.15 12.84 11.25
CA HIS B 101 18.26 13.76 11.23
C HIS B 101 18.23 14.59 9.97
N ALA B 102 18.86 15.76 10.05
CA ALA B 102 18.67 16.82 9.07
C ALA B 102 19.72 16.83 7.97
N HIS B 103 19.74 15.79 7.15
CA HIS B 103 20.50 15.76 5.89
C HIS B 103 19.55 15.66 4.73
N LEU B 104 19.99 16.16 3.56
CA LEU B 104 19.12 16.28 2.39
C LEU B 104 18.45 14.98 1.92
N ASP B 105 19.09 13.84 2.15
CA ASP B 105 18.52 12.58 1.73
C ASP B 105 17.32 12.15 2.59
N HIS B 106 17.10 12.85 3.71
CA HIS B 106 15.94 12.61 4.57
C HIS B 106 14.99 13.79 4.69
N THR B 107 15.44 14.99 4.34
CA THR B 107 14.68 16.21 4.53
C THR B 107 14.17 16.83 3.22
N GLY B 108 14.51 16.20 2.09
CA GLY B 108 14.30 16.83 0.78
C GLY B 108 12.87 17.15 0.41
N GLY B 109 11.90 16.47 1.02
CA GLY B 109 10.48 16.74 0.78
C GLY B 109 9.76 17.47 1.89
N PHE B 110 10.46 17.89 2.92
CA PHE B 110 9.80 18.52 4.07
C PHE B 110 9.08 19.82 3.72
N ALA B 111 9.77 20.74 3.07
CA ALA B 111 9.15 22.04 2.78
C ALA B 111 7.89 21.85 1.92
N GLU B 112 7.99 20.98 0.92
CA GLU B 112 6.88 20.73 0.01
C GLU B 112 5.71 20.09 0.72
N ILE B 113 5.95 19.02 1.47
CA ILE B 113 4.86 18.33 2.11
C ILE B 113 4.23 19.21 3.18
N LYS B 114 5.05 19.93 3.93
N LYS B 114 5.04 19.94 3.96
CA LYS B 114 4.52 20.81 4.97
CA LYS B 114 4.51 20.87 4.97
C LYS B 114 3.60 21.91 4.41
C LYS B 114 3.56 21.88 4.38
N LYS B 115 3.99 22.50 3.28
CA LYS B 115 3.18 23.52 2.63
C LYS B 115 1.87 22.94 2.09
N GLU B 116 1.95 21.75 1.48
CA GLU B 116 0.78 21.13 0.88
C GLU B 116 -0.27 20.72 1.92
N THR B 117 0.19 20.24 3.07
CA THR B 117 -0.66 19.61 4.06
C THR B 117 -1.02 20.45 5.29
N GLY B 118 -0.20 21.46 5.61
CA GLY B 118 -0.31 22.17 6.88
C GLY B 118 0.20 21.42 8.09
N ALA B 119 0.94 20.32 7.87
CA ALA B 119 1.48 19.54 8.97
C ALA B 119 2.53 20.32 9.76
N GLN B 120 2.74 19.90 11.00
CA GLN B 120 3.79 20.43 11.84
C GLN B 120 5.03 19.53 11.80
N LEU B 121 6.21 20.15 11.79
CA LEU B 121 7.49 19.44 11.77
C LEU B 121 8.09 19.39 13.16
N VAL B 122 8.48 18.18 13.56
CA VAL B 122 9.07 17.91 14.86
C VAL B 122 10.46 17.31 14.66
N ALA B 123 11.47 17.90 15.31
CA ALA B 123 12.86 17.47 15.12
C ALA B 123 13.70 17.77 16.33
N GLY B 124 14.83 17.08 16.44
CA GLY B 124 15.80 17.34 17.51
C GLY B 124 16.26 18.78 17.55
N GLU B 125 16.32 19.36 18.75
CA GLU B 125 16.60 20.79 18.88
CA GLU B 125 16.63 20.78 18.93
C GLU B 125 17.90 21.22 18.20
N ARG B 126 18.94 20.40 18.30
CA ARG B 126 20.25 20.78 17.76
CA ARG B 126 20.24 20.81 17.74
C ARG B 126 20.32 20.71 16.22
N ASP B 127 19.35 20.04 15.59
CA ASP B 127 19.21 20.05 14.14
C ASP B 127 18.33 21.21 13.62
N LYS B 128 17.67 21.99 14.50
CA LYS B 128 16.81 23.07 14.06
C LYS B 128 17.53 24.06 13.12
N PRO B 129 18.79 24.46 13.45
CA PRO B 129 19.46 25.40 12.56
C PRO B 129 19.72 24.84 11.16
N LEU B 130 20.00 23.54 11.09
N LEU B 130 20.00 23.54 11.09
CA LEU B 130 20.24 22.85 9.82
CA LEU B 130 20.24 22.86 9.81
C LEU B 130 18.95 22.81 8.97
C LEU B 130 18.97 22.76 8.95
N LEU B 131 17.84 22.42 9.58
CA LEU B 131 16.56 22.36 8.92
C LEU B 131 16.14 23.74 8.42
N GLU B 132 16.27 24.74 9.29
CA GLU B 132 15.82 26.09 8.96
C GLU B 132 16.75 26.80 7.98
N GLY B 133 18.00 26.35 7.88
CA GLY B 133 18.94 26.89 6.92
C GLY B 133 19.03 26.13 5.62
N GLY B 134 18.67 24.85 5.63
CA GLY B 134 18.79 24.03 4.43
C GLY B 134 20.22 23.73 4.00
N TYR B 135 21.12 23.54 4.97
CA TYR B 135 22.56 23.36 4.68
C TYR B 135 23.15 22.17 5.46
N TYR B 136 24.32 21.72 5.00
CA TYR B 136 25.08 20.65 5.64
C TYR B 136 26.04 21.26 6.68
N PRO B 137 26.01 20.75 7.93
CA PRO B 137 26.84 21.35 8.98
C PRO B 137 28.33 21.23 8.69
N GLY B 138 29.08 22.31 8.92
CA GLY B 138 30.50 22.31 8.61
C GLY B 138 30.85 22.32 7.12
N ASP B 139 29.84 22.39 6.24
CA ASP B 139 30.05 22.48 4.79
C ASP B 139 28.91 23.31 4.19
N GLU B 140 28.69 24.47 4.80
CA GLU B 140 27.47 25.24 4.61
C GLU B 140 27.34 25.91 3.25
N LYS B 141 28.45 26.03 2.52
CA LYS B 141 28.43 26.61 1.18
C LYS B 141 28.23 25.57 0.07
N ASN B 142 28.19 24.29 0.43
CA ASN B 142 28.06 23.21 -0.55
C ASN B 142 26.60 23.08 -1.02
N GLU B 143 26.32 23.64 -2.19
CA GLU B 143 24.96 23.64 -2.76
C GLU B 143 24.44 22.25 -3.08
N ASP B 144 25.32 21.30 -3.36
CA ASP B 144 24.86 19.96 -3.68
C ASP B 144 24.39 19.17 -2.46
N LEU B 145 24.66 19.68 -1.25
CA LEU B 145 24.15 19.09 -0.01
C LEU B 145 23.03 19.93 0.60
N ALA B 146 22.61 20.99 -0.09
CA ALA B 146 21.53 21.83 0.38
C ALA B 146 20.17 21.21 0.10
N PHE B 147 19.15 21.70 0.80
CA PHE B 147 17.78 21.26 0.62
C PHE B 147 16.83 22.43 0.90
N PRO B 148 15.55 22.30 0.50
CA PRO B 148 14.63 23.41 0.73
C PRO B 148 14.40 23.62 2.23
N ALA B 149 14.69 24.82 2.69
CA ALA B 149 14.63 25.14 4.12
C ALA B 149 13.22 25.03 4.66
N VAL B 150 13.09 24.59 5.91
CA VAL B 150 11.80 24.33 6.51
C VAL B 150 11.84 24.73 7.97
N LYS B 151 10.75 25.33 8.44
CA LYS B 151 10.62 25.72 9.83
CA LYS B 151 10.61 25.72 9.84
C LYS B 151 10.24 24.53 10.73
N VAL B 152 10.87 24.49 11.90
CA VAL B 152 10.58 23.50 12.92
C VAL B 152 9.50 24.02 13.86
N ASP B 153 8.41 23.29 13.98
CA ASP B 153 7.32 23.65 14.89
C ASP B 153 7.53 23.22 16.33
N ARG B 154 8.21 22.09 16.53
CA ARG B 154 8.51 21.59 17.85
C ARG B 154 9.90 20.99 17.87
N ALA B 155 10.77 21.52 18.72
CA ALA B 155 12.13 21.06 18.92
C ALA B 155 12.15 20.13 20.13
N VAL B 156 12.65 18.92 19.96
CA VAL B 156 12.62 17.89 21.01
C VAL B 156 13.99 17.57 21.56
N LYS B 157 13.99 17.08 22.80
CA LYS B 157 15.17 16.60 23.52
C LYS B 157 14.86 15.22 24.08
N GLU B 158 15.86 14.58 24.65
CA GLU B 158 15.74 13.24 25.23
C GLU B 158 14.49 13.12 26.13
N GLY B 159 13.70 12.10 25.86
CA GLY B 159 12.51 11.76 26.63
C GLY B 159 11.22 12.45 26.24
N ASP B 160 11.26 13.44 25.36
CA ASP B 160 10.03 14.13 24.96
C ASP B 160 9.07 13.18 24.25
N ARG B 161 7.78 13.39 24.48
CA ARG B 161 6.71 12.53 23.94
C ARG B 161 5.90 13.32 22.90
N VAL B 162 5.63 12.68 21.76
CA VAL B 162 4.87 13.28 20.68
C VAL B 162 3.66 12.38 20.44
N THR B 163 2.46 12.94 20.55
CA THR B 163 1.20 12.19 20.40
C THR B 163 0.34 12.74 19.27
N LEU B 164 -0.19 11.84 18.44
CA LEU B 164 -1.28 12.15 17.50
C LEU B 164 -2.34 11.07 17.69
N GLY B 165 -3.54 11.48 18.08
CA GLY B 165 -4.62 10.55 18.32
C GLY B 165 -4.22 9.47 19.32
N ASP B 166 -4.32 8.23 18.87
CA ASP B 166 -4.02 7.03 19.66
C ASP B 166 -2.54 6.62 19.77
N THR B 167 -1.64 7.39 19.16
CA THR B 167 -0.25 6.94 18.98
C THR B 167 0.72 7.94 19.61
N THR B 168 1.68 7.42 20.36
CA THR B 168 2.74 8.22 21.00
C THR B 168 4.13 7.69 20.64
N LEU B 169 5.00 8.62 20.26
CA LEU B 169 6.42 8.33 20.08
C LEU B 169 7.24 9.06 21.13
N THR B 170 8.35 8.45 21.52
CA THR B 170 9.28 9.06 22.46
C THR B 170 10.60 9.35 21.77
N ALA B 171 11.08 10.60 21.93
CA ALA B 171 12.36 11.01 21.35
C ALA B 171 13.53 10.55 22.20
N HIS B 172 14.57 10.06 21.54
CA HIS B 172 15.84 9.78 22.18
C HIS B 172 16.94 10.53 21.48
N ALA B 173 17.74 11.26 22.24
CA ALA B 173 18.86 12.00 21.66
C ALA B 173 20.00 11.04 21.38
N THR B 174 20.30 10.86 20.10
CA THR B 174 21.34 9.95 19.68
C THR B 174 22.27 10.67 18.67
N PRO B 175 22.94 11.74 19.13
CA PRO B 175 23.75 12.56 18.25
C PRO B 175 25.02 11.90 17.75
N GLY B 176 25.60 12.50 16.73
CA GLY B 176 26.86 12.06 16.14
C GLY B 176 26.76 12.23 14.64
N HIS B 177 25.92 11.42 14.01
CA HIS B 177 25.75 11.54 12.56
C HIS B 177 25.23 12.96 12.20
N SER B 178 24.42 13.54 13.07
CA SER B 178 24.08 14.98 13.05
CA SER B 178 24.04 14.96 13.03
C SER B 178 23.99 15.43 14.50
N PRO B 179 24.10 16.74 14.74
CA PRO B 179 24.08 17.15 16.16
C PRO B 179 22.74 16.92 16.85
N GLY B 180 21.65 16.97 16.09
CA GLY B 180 20.30 16.81 16.61
C GLY B 180 19.66 15.47 16.26
N CYS B 181 20.47 14.49 15.86
CA CYS B 181 19.99 13.15 15.45
C CYS B 181 19.12 12.54 16.57
N THR B 182 17.87 12.21 16.22
CA THR B 182 16.84 11.76 17.16
C THR B 182 16.33 10.41 16.71
N SER B 183 16.43 9.42 17.59
CA SER B 183 15.86 8.11 17.38
C SER B 183 14.49 8.06 18.08
N TRP B 184 13.50 7.53 17.40
CA TRP B 184 12.11 7.61 17.87
C TRP B 184 11.60 6.22 18.24
N GLU B 185 11.13 6.09 19.48
N GLU B 185 10.99 6.16 19.42
CA GLU B 185 10.61 4.81 20.01
CA GLU B 185 10.52 4.92 20.05
C GLU B 185 9.08 4.83 20.06
C GLU B 185 9.00 4.86 20.06
N MET B 186 8.45 3.71 19.69
CA MET B 186 6.99 3.54 19.84
CA MET B 186 7.00 3.52 19.68
C MET B 186 6.65 2.07 20.02
N THR B 187 5.45 1.84 20.58
CA THR B 187 4.92 0.51 20.84
C THR B 187 3.95 0.13 19.72
N VAL B 188 4.08 -1.12 19.28
CA VAL B 188 3.13 -1.71 18.33
C VAL B 188 2.66 -3.03 18.89
N LYS B 189 1.65 -3.59 18.25
CA LYS B 189 1.17 -4.94 18.57
C LYS B 189 1.70 -5.95 17.56
N ASP B 190 2.04 -7.12 18.06
CA ASP B 190 2.28 -8.31 17.25
C ASP B 190 1.34 -9.35 17.87
N GLY B 191 0.22 -9.62 17.21
CA GLY B 191 -0.87 -10.35 17.83
C GLY B 191 -1.33 -9.61 19.08
N LYS B 192 -1.31 -10.29 20.22
CA LYS B 192 -1.77 -9.76 21.49
C LYS B 192 -0.70 -8.97 22.23
N GLU B 193 0.54 -9.08 21.77
CA GLU B 193 1.68 -8.62 22.55
C GLU B 193 2.27 -7.33 22.07
N ASP B 194 2.74 -6.55 23.02
CA ASP B 194 3.48 -5.34 22.71
C ASP B 194 4.88 -5.65 22.17
N ARG B 195 5.31 -4.87 21.19
CA ARG B 195 6.70 -4.87 20.71
C ARG B 195 7.17 -3.43 20.60
N GLU B 196 8.44 -3.22 20.98
CA GLU B 196 9.00 -1.86 20.96
C GLU B 196 9.83 -1.63 19.69
N VAL B 197 9.54 -0.56 18.99
CA VAL B 197 10.17 -0.21 17.73
C VAL B 197 11.06 0.99 17.97
N LEU B 198 12.26 0.98 17.36
CA LEU B 198 13.10 2.17 17.31
C LEU B 198 13.36 2.55 15.86
N PHE B 199 12.97 3.77 15.49
CA PHE B 199 13.41 4.39 14.25
C PHE B 199 14.78 5.01 14.60
N PHE B 200 15.84 4.23 14.43
CA PHE B 200 17.20 4.67 14.76
C PHE B 200 17.61 5.75 13.76
N CYS B 201 18.32 6.77 14.23
CA CYS B 201 18.54 7.94 13.39
C CYS B 201 19.65 7.89 12.39
N SER B 202 20.57 6.95 12.56
CA SER B 202 21.84 6.75 11.80
C SER B 202 23.01 6.96 12.72
N GLY B 203 23.99 6.08 12.61
CA GLY B 203 25.26 6.25 13.32
C GLY B 203 26.51 6.07 12.45
N THR B 204 26.36 6.27 11.14
CA THR B 204 27.47 6.16 10.21
C THR B 204 28.32 7.45 10.24
N VAL B 205 29.60 7.31 9.91
CA VAL B 205 30.48 8.47 9.76
C VAL B 205 30.15 9.25 8.49
N ALA B 206 29.99 8.53 7.39
CA ALA B 206 29.54 9.08 6.11
C ALA B 206 30.44 10.28 5.75
N LEU B 207 29.88 11.46 5.49
CA LEU B 207 30.66 12.62 5.07
C LEU B 207 31.20 13.46 6.21
N ASN B 208 30.95 13.08 7.46
CA ASN B 208 31.38 13.92 8.58
C ASN B 208 32.89 13.91 8.79
N ARG B 209 33.38 15.06 9.21
CA ARG B 209 34.76 15.21 9.64
C ARG B 209 34.79 15.07 11.15
N LEU B 210 35.64 14.16 11.64
CA LEU B 210 35.74 13.86 13.05
C LEU B 210 36.84 14.62 13.78
N VAL B 211 37.88 15.02 13.04
CA VAL B 211 39.07 15.64 13.60
C VAL B 211 39.54 16.71 12.62
N GLY B 212 40.46 17.55 13.06
CA GLY B 212 40.96 18.65 12.24
C GLY B 212 40.06 19.86 12.41
N GLN B 213 39.08 19.96 11.52
CA GLN B 213 37.99 20.92 11.63
C GLN B 213 36.73 20.09 11.74
N PRO B 214 36.40 19.62 12.96
CA PRO B 214 35.25 18.72 13.05
C PRO B 214 33.95 19.32 12.53
N THR B 215 33.08 18.49 11.98
CA THR B 215 31.81 18.93 11.43
C THR B 215 31.00 19.77 12.41
N TYR B 216 31.02 19.37 13.68
CA TYR B 216 30.51 20.23 14.76
C TYR B 216 31.28 19.87 16.05
N ALA B 217 31.23 20.76 17.02
CA ALA B 217 31.99 20.57 18.25
C ALA B 217 31.41 19.47 19.09
N GLY B 218 32.25 18.52 19.49
CA GLY B 218 31.86 17.39 20.35
C GLY B 218 31.36 16.18 19.58
N ILE B 219 31.55 16.17 18.26
CA ILE B 219 31.03 15.10 17.44
C ILE B 219 31.54 13.69 17.83
N VAL B 220 32.82 13.56 18.14
CA VAL B 220 33.36 12.26 18.51
C VAL B 220 32.68 11.72 19.77
N ASP B 221 32.60 12.55 20.81
CA ASP B 221 31.92 12.16 22.04
C ASP B 221 30.46 11.76 21.79
N ASP B 222 29.76 12.51 20.94
CA ASP B 222 28.39 12.19 20.62
C ASP B 222 28.26 10.79 20.01
N TYR B 223 29.08 10.47 19.02
CA TYR B 223 29.03 9.12 18.39
C TYR B 223 29.22 8.00 19.39
N ARG B 224 30.27 8.08 20.19
N ARG B 224 30.21 8.23 20.28
CA ARG B 224 30.56 7.00 21.15
CA ARG B 224 30.56 7.29 21.37
C ARG B 224 29.47 6.85 22.22
C ARG B 224 29.39 7.05 22.31
N ALA B 225 28.90 7.97 22.66
N ALA B 225 28.79 8.12 22.78
CA ALA B 225 27.70 8.03 23.57
CA ALA B 225 27.70 7.91 23.66
C ALA B 225 26.48 7.35 22.94
C ALA B 225 26.61 7.15 22.89
N THR B 226 26.33 7.54 21.63
CA THR B 226 25.23 6.95 20.91
C THR B 226 25.39 5.44 20.70
N PHE B 227 26.59 4.97 20.38
CA PHE B 227 26.77 3.53 20.22
C PHE B 227 26.46 2.79 21.53
N ALA B 228 26.92 3.36 22.63
CA ALA B 228 26.69 2.76 23.95
C ALA B 228 25.20 2.76 24.30
N LYS B 229 24.56 3.90 24.08
CA LYS B 229 23.12 4.05 24.37
C LYS B 229 22.31 3.04 23.57
N ALA B 230 22.64 2.89 22.29
CA ALA B 230 21.93 1.94 21.39
C ALA B 230 22.05 0.51 21.90
N LYS B 231 23.24 0.12 22.35
CA LYS B 231 23.44 -1.24 22.85
C LYS B 231 22.63 -1.53 24.11
N ALA B 232 22.30 -0.49 24.87
CA ALA B 232 21.56 -0.65 26.14
C ALA B 232 20.04 -0.59 26.04
N MET B 233 19.50 -0.18 24.89
CA MET B 233 18.05 -0.02 24.72
C MET B 233 17.37 -1.34 24.48
N LYS B 234 16.19 -1.52 25.06
CA LYS B 234 15.37 -2.71 24.86
C LYS B 234 14.41 -2.45 23.71
N ILE B 235 14.78 -2.96 22.55
CA ILE B 235 14.09 -2.71 21.28
C ILE B 235 13.89 -4.01 20.54
N ASP B 236 12.63 -4.29 20.19
CA ASP B 236 12.25 -5.50 19.45
C ASP B 236 12.45 -5.39 17.93
N VAL B 237 12.19 -4.20 17.39
CA VAL B 237 12.19 -3.96 15.94
C VAL B 237 13.10 -2.76 15.65
N LEU B 238 14.21 -3.03 14.97
CA LEU B 238 15.11 -1.98 14.51
C LEU B 238 14.68 -1.50 13.13
N LEU B 239 14.46 -0.18 13.02
CA LEU B 239 14.26 0.51 11.75
C LEU B 239 15.30 1.62 11.66
N GLY B 240 15.42 2.23 10.50
CA GLY B 240 16.39 3.29 10.30
C GLY B 240 16.10 4.04 9.02
N PRO B 241 16.91 5.07 8.72
CA PRO B 241 16.60 5.97 7.60
C PRO B 241 17.10 5.49 6.27
N HIS B 242 17.85 4.38 6.26
CA HIS B 242 18.22 3.66 5.05
C HIS B 242 17.90 2.20 5.27
N PRO B 243 17.40 1.51 4.24
CA PRO B 243 17.02 0.10 4.45
C PRO B 243 18.17 -0.83 4.86
N GLU B 244 19.39 -0.46 4.47
N GLU B 244 19.41 -0.50 4.49
CA GLU B 244 20.61 -1.19 4.86
CA GLU B 244 20.56 -1.33 4.88
C GLU B 244 20.86 -1.26 6.35
C GLU B 244 20.88 -1.26 6.38
N VAL B 245 20.29 -0.32 7.11
CA VAL B 245 20.41 -0.31 8.57
C VAL B 245 19.89 -1.62 9.20
N TYR B 246 18.84 -2.19 8.59
CA TYR B 246 18.13 -3.32 9.17
C TYR B 246 17.83 -4.40 8.13
N GLY B 247 18.55 -4.40 7.03
CA GLY B 247 18.35 -5.44 6.01
C GLY B 247 16.91 -5.56 5.53
N MET B 248 16.31 -4.41 5.21
CA MET B 248 14.89 -4.37 4.89
C MET B 248 14.48 -5.35 3.80
N GLN B 249 15.23 -5.38 2.71
CA GLN B 249 14.80 -6.14 1.53
C GLN B 249 14.78 -7.63 1.80
N ALA B 250 15.76 -8.12 2.53
CA ALA B 250 15.79 -9.54 2.87
C ALA B 250 14.63 -9.94 3.78
N LYS B 251 14.27 -9.06 4.70
CA LYS B 251 13.11 -9.29 5.58
C LYS B 251 11.80 -9.23 4.81
N ARG B 252 11.67 -8.21 3.96
CA ARG B 252 10.47 -8.08 3.13
C ARG B 252 10.20 -9.35 2.29
N ALA B 253 11.26 -9.92 1.72
CA ALA B 253 11.14 -11.13 0.90
C ALA B 253 10.66 -12.36 1.70
N GLU B 254 10.86 -12.35 3.02
CA GLU B 254 10.43 -13.46 3.90
C GLU B 254 9.05 -13.26 4.54
N MET B 255 8.39 -12.14 4.26
CA MET B 255 7.03 -11.95 4.79
C MET B 255 6.04 -12.91 4.16
N LYS B 256 5.26 -13.53 5.03
CA LYS B 256 4.26 -14.50 4.63
C LYS B 256 3.13 -14.44 5.65
N ASP B 257 1.90 -14.45 5.15
CA ASP B 257 0.73 -14.50 6.03
C ASP B 257 0.81 -15.74 6.89
N GLY B 258 0.70 -15.54 8.20
CA GLY B 258 0.73 -16.65 9.17
C GLY B 258 2.10 -17.01 9.74
N ALA B 259 3.18 -16.46 9.17
CA ALA B 259 4.54 -16.69 9.67
C ALA B 259 4.98 -15.52 10.56
N PRO B 260 6.00 -15.72 11.42
CA PRO B 260 6.43 -14.63 12.29
C PRO B 260 6.88 -13.41 11.51
N ASN B 261 6.65 -12.21 12.05
CA ASN B 261 7.07 -11.00 11.37
C ASN B 261 8.60 -10.93 11.38
N PRO B 262 9.24 -10.93 10.18
CA PRO B 262 10.71 -10.98 10.13
C PRO B 262 11.38 -9.69 10.60
N PHE B 263 10.63 -8.61 10.78
CA PHE B 263 11.19 -7.37 11.31
C PHE B 263 11.39 -7.40 12.82
N ILE B 264 10.86 -8.42 13.49
CA ILE B 264 11.10 -8.59 14.93
C ILE B 264 12.40 -9.36 15.13
N LYS B 265 13.42 -8.66 15.59
CA LYS B 265 14.75 -9.23 15.86
CA LYS B 265 14.74 -9.23 15.85
C LYS B 265 15.36 -8.43 17.01
N PRO B 266 15.04 -8.80 18.27
CA PRO B 266 15.42 -7.94 19.41
C PRO B 266 16.90 -7.74 19.72
N GLY B 267 17.79 -8.57 19.16
CA GLY B 267 19.23 -8.38 19.36
C GLY B 267 19.92 -7.56 18.28
N GLU B 268 19.17 -7.11 17.28
CA GLU B 268 19.75 -6.53 16.09
C GLU B 268 20.41 -5.19 16.34
N LEU B 269 19.82 -4.34 17.19
CA LEU B 269 20.42 -3.04 17.47
C LEU B 269 21.81 -3.19 18.16
N VAL B 270 21.96 -4.18 19.05
CA VAL B 270 23.27 -4.44 19.64
C VAL B 270 24.27 -4.84 18.55
N THR B 271 23.87 -5.76 17.67
CA THR B 271 24.80 -6.20 16.62
C THR B 271 25.15 -5.04 15.68
N TYR B 272 24.14 -4.28 15.27
CA TYR B 272 24.35 -3.15 14.36
C TYR B 272 25.21 -2.05 14.98
N ALA B 273 24.92 -1.69 16.22
CA ALA B 273 25.70 -0.66 16.90
C ALA B 273 27.16 -1.10 17.06
N THR B 274 27.39 -2.41 17.28
CA THR B 274 28.74 -2.95 17.37
C THR B 274 29.47 -2.74 16.03
N SER B 275 28.79 -3.07 14.94
CA SER B 275 29.37 -2.86 13.61
C SER B 275 29.66 -1.38 13.37
N LEU B 276 28.75 -0.50 13.79
CA LEU B 276 28.98 0.95 13.64
C LEU B 276 30.19 1.42 14.44
N SER B 277 30.31 0.93 15.65
CA SER B 277 31.44 1.31 16.51
CA SER B 277 31.43 1.34 16.51
C SER B 277 32.78 0.88 15.93
N GLU B 278 32.81 -0.32 15.36
CA GLU B 278 34.03 -0.82 14.76
C GLU B 278 34.40 0.00 13.51
N ASP B 279 33.41 0.36 12.69
CA ASP B 279 33.70 1.23 11.57
C ASP B 279 34.11 2.63 12.00
N PHE B 280 33.50 3.14 13.06
CA PHE B 280 33.86 4.46 13.60
C PHE B 280 35.35 4.49 13.96
N ASP B 281 35.81 3.48 14.66
CA ASP B 281 37.23 3.41 15.03
C ASP B 281 38.14 3.44 13.79
N LYS B 282 37.75 2.70 12.76
CA LYS B 282 38.50 2.69 11.49
C LYS B 282 38.54 4.07 10.85
N GLN B 283 37.39 4.74 10.80
CA GLN B 283 37.35 6.06 10.19
C GLN B 283 38.06 7.13 11.00
N LEU B 284 37.96 7.04 12.31
CA LEU B 284 38.70 7.99 13.15
C LEU B 284 40.20 7.85 12.94
N ALA B 285 40.68 6.61 12.89
CA ALA B 285 42.10 6.38 12.62
C ALA B 285 42.51 6.91 11.26
N LYS B 286 41.69 6.67 10.24
CA LYS B 286 41.99 7.14 8.88
C LYS B 286 42.06 8.66 8.82
N GLN B 287 41.06 9.33 9.38
CA GLN B 287 41.05 10.79 9.34
C GLN B 287 42.18 11.39 10.18
N THR B 288 42.52 10.76 11.31
CA THR B 288 43.66 11.20 12.13
C THR B 288 44.95 11.09 11.32
N ALA B 289 45.17 9.96 10.65
CA ALA B 289 46.39 9.80 9.85
C ALA B 289 46.44 10.82 8.71
N ALA B 290 45.29 11.12 8.11
CA ALA B 290 45.24 12.06 7.00
C ALA B 290 45.55 13.51 7.39
N LEU B 291 45.43 13.85 8.68
CA LEU B 291 45.79 15.19 9.16
C LEU B 291 47.28 15.43 9.19
N GLU B 292 48.06 14.36 9.26
CA GLU B 292 49.51 14.48 9.35
C GLU B 292 50.04 15.17 8.09
N LYS B 293 50.90 16.16 8.28
CA LYS B 293 51.40 17.00 7.21
C LYS B 293 52.33 16.21 6.30
N LYS B 294 52.06 16.24 4.99
CA LYS B 294 52.84 15.56 3.96
C LYS B 294 53.07 16.46 2.76
ZN ZN C . -10.34 -11.99 -10.67
ZN ZN D . -11.95 -14.20 -12.69
ZN ZN E . -27.46 -4.94 -20.64
C ACT F . -9.90 -11.19 -13.49
O ACT F . -10.03 -10.53 -14.54
OXT ACT F . -10.85 -11.26 -12.66
CH3 ACT F . -8.59 -11.85 -13.26
ZN ZN G . 21.14 9.33 5.04
ZN ZN H . 22.69 11.56 7.10
ZN ZN I . 52.71 18.81 1.16
C ACT J . 23.20 7.88 6.63
O ACT J . 22.11 8.49 6.81
OXT ACT J . 23.65 7.11 7.51
CH3 ACT J . 24.00 8.00 5.38
#